data_4OZT
#
_entry.id   4OZT
#
_cell.length_a   134.000
_cell.length_b   134.000
_cell.length_c   95.300
_cell.angle_alpha   90.00
_cell.angle_beta   90.00
_cell.angle_gamma   90.00
#
_symmetry.space_group_name_H-M   'P 43 21 2'
#
loop_
_entity.id
_entity.type
_entity.pdbx_description
1 polymer 'Ecdysone receptor'
2 polymer 'Retinoid X receptor'
3 non-polymer 2,3,14,20,22-PENTAHYDROXYCHOLEST-7-EN-6-ONE
4 non-polymer N-ETHYLMALEIMIDE
5 water water
#
loop_
_entity_poly.entity_id
_entity_poly.type
_entity_poly.pdbx_seq_one_letter_code
_entity_poly.pdbx_strand_id
1 'polypeptide(L)'
;VKPISPEQEELIHRLVYFQNEYEQPSDEDLKRISNTPSEGEDQSDLNFRHITEITILTVQLIVEFAKRLPGFDKLLREDQ
IALLKACSSEVMMLRMARRYDVGSDSILFANNQPYTRDSYSLAGMGETVDDLLRFCRQMYGMKVDNAEYALLTAIVIFSE
RPSLIEGWKVEKIQEIYLEALKVYVDNRRKPASGTIFAKLLSVLTELRTLGNLNSEMCFSLKLKNKKLPPFLAEIWDV
;
E
2 'polypeptide(L)'
;NAVANICQATNSQLYQLVEWAKHIPHFSSLPIEDQVLLLRAGWNELLIAAFSHRSVEVRDGIVLGAGITVHRNSAHQAGV
GTIFDRVLTELVAKMRDMNMDRTELGSLRSIILFNPEVRGLKSGQEVELLREKVYAALEEYTRVTRPEEPGRFAKLLLRL
PALRSIGLKCLEHLFFFKLIGDIPIDTFLMDMLGS
;
U
#
# COMPACT_ATOMS: atom_id res chain seq x y z
N VAL A 1 -11.01 24.85 -4.81
CA VAL A 1 -12.04 25.88 -4.68
C VAL A 1 -13.41 25.31 -5.08
N LYS A 2 -13.38 24.19 -5.80
CA LYS A 2 -14.60 23.50 -6.24
C LYS A 2 -15.36 22.93 -5.03
N PRO A 3 -16.68 23.21 -4.95
CA PRO A 3 -17.47 22.84 -3.77
C PRO A 3 -18.07 21.43 -3.83
N ILE A 4 -18.55 20.95 -2.69
CA ILE A 4 -19.15 19.62 -2.61
C ILE A 4 -20.54 19.62 -3.23
N SER A 5 -20.75 18.73 -4.21
CA SER A 5 -22.09 18.57 -4.79
C SER A 5 -23.00 17.90 -3.77
N PRO A 6 -24.32 18.15 -3.85
CA PRO A 6 -25.29 17.57 -2.92
C PRO A 6 -25.24 16.04 -2.87
N GLU A 7 -25.06 15.40 -4.02
CA GLU A 7 -24.91 13.95 -4.09
C GLU A 7 -23.71 13.49 -3.27
N GLN A 8 -22.61 14.23 -3.39
CA GLN A 8 -21.40 13.94 -2.65
C GLN A 8 -21.60 14.12 -1.15
N GLU A 9 -22.38 15.13 -0.77
CA GLU A 9 -22.67 15.36 0.64
C GLU A 9 -23.53 14.22 1.20
N GLU A 10 -24.48 13.75 0.41
CA GLU A 10 -25.32 12.63 0.81
C GLU A 10 -24.47 11.38 1.00
N LEU A 11 -23.56 11.17 0.05
CA LEU A 11 -22.65 10.03 0.10
C LEU A 11 -21.80 10.08 1.37
N ILE A 12 -21.22 11.24 1.64
CA ILE A 12 -20.35 11.40 2.80
C ILE A 12 -21.12 11.22 4.11
N HIS A 13 -22.32 11.78 4.17
CA HIS A 13 -23.20 11.60 5.33
C HIS A 13 -23.47 10.11 5.57
N ARG A 14 -23.83 9.40 4.50
CA ARG A 14 -24.04 7.95 4.60
C ARG A 14 -22.80 7.23 5.11
N LEU A 15 -21.64 7.56 4.54
CA LEU A 15 -20.39 6.92 4.96
C LEU A 15 -20.11 7.14 6.44
N VAL A 16 -20.18 8.38 6.89
CA VAL A 16 -19.94 8.72 8.29
C VAL A 16 -20.91 7.97 9.22
N TYR A 17 -22.18 7.95 8.80
CA TYR A 17 -23.21 7.20 9.50
C TYR A 17 -22.86 5.70 9.63
N PHE A 18 -22.55 5.05 8.51
CA PHE A 18 -22.18 3.63 8.51
C PHE A 18 -20.96 3.36 9.37
N GLN A 19 -19.97 4.23 9.27
CA GLN A 19 -18.74 4.07 10.03
C GLN A 19 -19.00 4.14 11.52
N ASN A 20 -19.86 5.08 11.93
CA ASN A 20 -20.22 5.15 13.34
C ASN A 20 -21.07 3.96 13.78
N GLU A 21 -21.90 3.48 12.86
CA GLU A 21 -22.85 2.41 13.13
C GLU A 21 -22.18 1.04 13.30
N TYR A 22 -21.10 0.81 12.57
CA TYR A 22 -20.45 -0.49 12.58
C TYR A 22 -19.02 -0.42 13.09
N GLU A 23 -18.80 0.47 14.05
CA GLU A 23 -17.48 0.70 14.60
C GLU A 23 -17.14 -0.25 15.74
N GLN A 24 -18.14 -0.60 16.53
CA GLN A 24 -17.92 -1.44 17.71
C GLN A 24 -18.74 -2.71 17.72
N PRO A 25 -18.16 -3.80 18.23
CA PRO A 25 -18.89 -5.06 18.44
C PRO A 25 -19.96 -4.85 19.49
N SER A 26 -21.02 -5.66 19.46
CA SER A 26 -22.06 -5.58 20.49
C SER A 26 -21.49 -5.86 21.88
N ASP A 27 -22.14 -5.34 22.91
CA ASP A 27 -21.72 -5.61 24.28
C ASP A 27 -21.83 -7.09 24.59
N GLU A 28 -22.79 -7.76 23.95
N GLU A 28 -22.78 -7.76 23.95
CA GLU A 28 -23.01 -9.18 24.14
CA GLU A 28 -23.00 -9.19 24.15
C GLU A 28 -21.80 -10.01 23.71
C GLU A 28 -21.80 -10.01 23.72
N ASP A 29 -21.28 -9.72 22.53
CA ASP A 29 -20.12 -10.45 22.00
C ASP A 29 -18.87 -10.25 22.86
N LEU A 30 -18.57 -9.01 23.20
CA LEU A 30 -17.46 -8.68 24.07
C LEU A 30 -17.57 -9.35 25.44
N LYS A 31 -18.76 -9.26 26.04
CA LYS A 31 -19.01 -9.90 27.33
C LYS A 31 -18.78 -11.40 27.23
N ARG A 32 -19.20 -11.98 26.10
CA ARG A 32 -18.97 -13.41 25.86
C ARG A 32 -17.49 -13.74 25.79
N ILE A 33 -16.71 -12.84 25.17
CA ILE A 33 -15.26 -13.04 25.08
C ILE A 33 -14.56 -12.94 26.43
N SER A 34 -14.92 -11.95 27.24
CA SER A 34 -14.29 -11.78 28.55
C SER A 34 -14.67 -12.86 29.56
N ASN A 35 -15.78 -13.54 29.32
CA ASN A 35 -16.30 -14.51 30.27
C ASN A 35 -16.09 -15.98 29.89
N THR A 36 -15.01 -16.26 29.17
CA THR A 36 -14.67 -17.65 28.82
C THR A 36 -13.20 -18.01 29.11
N PRO A 37 -12.74 -17.88 30.37
CA PRO A 37 -11.33 -18.19 30.61
C PRO A 37 -10.98 -19.68 30.60
N SER A 38 -11.66 -20.45 29.75
CA SER A 38 -11.33 -21.86 29.48
C SER A 38 -10.86 -22.65 30.70
N GLU A 39 -9.54 -22.78 30.81
CA GLU A 39 -8.90 -23.37 31.98
C GLU A 39 -7.83 -22.37 32.42
N GLY A 40 -7.41 -22.45 33.69
CA GLY A 40 -6.40 -21.55 34.25
C GLY A 40 -5.29 -21.16 33.29
N GLU A 41 -5.60 -20.19 32.42
CA GLU A 41 -4.68 -19.71 31.41
C GLU A 41 -3.84 -18.54 31.94
N ASP A 42 -2.66 -18.34 31.34
CA ASP A 42 -1.77 -17.25 31.73
C ASP A 42 -2.12 -15.95 31.01
N GLN A 43 -1.45 -14.86 31.38
CA GLN A 43 -1.69 -13.54 30.78
C GLN A 43 -1.48 -13.55 29.27
N SER A 44 -0.50 -14.30 28.82
CA SER A 44 -0.19 -14.43 27.40
C SER A 44 -1.37 -15.01 26.62
N ASP A 45 -1.83 -16.18 27.05
CA ASP A 45 -2.96 -16.86 26.42
C ASP A 45 -4.20 -15.97 26.41
N LEU A 46 -4.35 -15.19 27.48
CA LEU A 46 -5.46 -14.25 27.60
C LEU A 46 -5.38 -13.16 26.53
N ASN A 47 -4.22 -12.52 26.43
CA ASN A 47 -4.00 -11.49 25.43
C ASN A 47 -4.22 -12.01 24.00
N PHE A 48 -3.67 -13.18 23.73
CA PHE A 48 -3.83 -13.79 22.41
C PHE A 48 -5.30 -14.05 22.09
N ARG A 49 -5.99 -14.65 23.06
CA ARG A 49 -7.40 -14.99 22.92
C ARG A 49 -8.20 -13.73 22.61
N HIS A 50 -8.02 -12.69 23.42
CA HIS A 50 -8.74 -11.44 23.20
C HIS A 50 -8.45 -10.85 21.83
N ILE A 51 -7.17 -10.75 21.48
CA ILE A 51 -6.78 -10.19 20.19
C ILE A 51 -7.43 -10.89 19.00
N THR A 52 -7.30 -12.22 18.94
CA THR A 52 -7.86 -12.99 17.83
C THR A 52 -9.41 -13.02 17.80
N GLU A 53 -10.00 -13.35 18.95
CA GLU A 53 -11.45 -13.45 19.06
C GLU A 53 -12.14 -12.13 18.77
N ILE A 54 -11.56 -11.02 19.21
CA ILE A 54 -12.13 -9.71 18.89
C ILE A 54 -11.89 -9.39 17.42
N THR A 55 -10.71 -9.77 16.91
CA THR A 55 -10.42 -9.55 15.49
C THR A 55 -11.49 -10.19 14.59
N ILE A 56 -12.02 -11.35 15.00
CA ILE A 56 -13.15 -11.96 14.28
C ILE A 56 -14.34 -10.99 14.15
N LEU A 57 -14.74 -10.42 15.29
CA LEU A 57 -15.83 -9.45 15.33
C LEU A 57 -15.52 -8.24 14.45
N THR A 58 -14.27 -7.79 14.49
CA THR A 58 -13.80 -6.69 13.67
C THR A 58 -14.01 -6.98 12.18
N VAL A 59 -13.63 -8.18 11.75
CA VAL A 59 -13.84 -8.56 10.35
C VAL A 59 -15.34 -8.57 10.01
N GLN A 60 -16.16 -9.12 10.90
CA GLN A 60 -17.62 -9.09 10.67
C GLN A 60 -18.16 -7.66 10.51
N LEU A 61 -17.66 -6.74 11.33
CA LEU A 61 -18.03 -5.34 11.25
C LEU A 61 -17.60 -4.75 9.91
N ILE A 62 -16.40 -5.08 9.47
CA ILE A 62 -15.90 -4.66 8.16
C ILE A 62 -16.83 -5.13 7.04
N VAL A 63 -17.28 -6.37 7.11
CA VAL A 63 -18.23 -6.87 6.11
C VAL A 63 -19.55 -6.09 6.17
N GLU A 64 -20.08 -5.90 7.37
CA GLU A 64 -21.32 -5.13 7.53
C GLU A 64 -21.21 -3.73 6.94
N PHE A 65 -20.06 -3.08 7.14
CA PHE A 65 -19.84 -1.76 6.59
C PHE A 65 -19.77 -1.82 5.06
N ALA A 66 -19.00 -2.77 4.55
CA ALA A 66 -18.76 -2.86 3.11
C ALA A 66 -20.04 -3.14 2.34
N LYS A 67 -20.87 -4.05 2.84
CA LYS A 67 -22.06 -4.42 2.09
C LYS A 67 -23.12 -3.31 2.05
N ARG A 68 -22.84 -2.22 2.76
CA ARG A 68 -23.75 -1.07 2.77
C ARG A 68 -23.25 0.11 1.94
N LEU A 69 -22.01 0.04 1.47
CA LEU A 69 -21.47 1.06 0.58
C LEU A 69 -22.23 1.09 -0.75
N PRO A 70 -22.65 2.29 -1.18
CA PRO A 70 -23.25 2.46 -2.51
C PRO A 70 -22.31 1.94 -3.60
N GLY A 71 -22.84 1.08 -4.47
CA GLY A 71 -22.02 0.46 -5.49
C GLY A 71 -21.75 -1.01 -5.24
N PHE A 72 -21.62 -1.38 -3.96
CA PHE A 72 -21.25 -2.74 -3.62
C PHE A 72 -22.25 -3.78 -4.13
N ASP A 73 -23.53 -3.47 -4.07
CA ASP A 73 -24.57 -4.39 -4.52
C ASP A 73 -24.68 -4.47 -6.04
N LYS A 74 -23.84 -3.71 -6.75
CA LYS A 74 -23.83 -3.72 -8.21
C LYS A 74 -22.88 -4.80 -8.73
N LEU A 75 -22.07 -5.35 -7.83
CA LEU A 75 -21.02 -6.30 -8.21
C LEU A 75 -21.49 -7.75 -8.17
N LEU A 76 -20.79 -8.62 -8.91
CA LEU A 76 -21.02 -10.05 -8.84
C LEU A 76 -20.61 -10.54 -7.45
N ARG A 77 -21.31 -11.55 -6.94
CA ARG A 77 -21.00 -12.09 -5.61
C ARG A 77 -19.53 -12.47 -5.51
N GLU A 78 -19.00 -13.04 -6.59
CA GLU A 78 -17.62 -13.49 -6.67
C GLU A 78 -16.64 -12.33 -6.44
N ASP A 79 -16.93 -11.18 -7.06
CA ASP A 79 -16.10 -10.00 -6.89
C ASP A 79 -16.25 -9.40 -5.49
N GLN A 80 -17.45 -9.47 -4.92
CA GLN A 80 -17.66 -9.01 -3.55
C GLN A 80 -16.77 -9.80 -2.58
N ILE A 81 -16.86 -11.13 -2.66
CA ILE A 81 -16.04 -11.99 -1.83
C ILE A 81 -14.55 -11.72 -2.04
N ALA A 82 -14.14 -11.62 -3.32
CA ALA A 82 -12.74 -11.35 -3.63
C ALA A 82 -12.23 -10.06 -2.97
N LEU A 83 -12.98 -8.98 -3.17
CA LEU A 83 -12.66 -7.69 -2.56
C LEU A 83 -12.53 -7.82 -1.05
N LEU A 84 -13.56 -8.36 -0.41
CA LEU A 84 -13.57 -8.49 1.06
C LEU A 84 -12.35 -9.26 1.59
N LYS A 85 -12.10 -10.43 1.00
CA LYS A 85 -10.92 -11.23 1.34
C LYS A 85 -9.65 -10.38 1.22
N ALA A 86 -9.55 -9.65 0.11
CA ALA A 86 -8.31 -8.92 -0.18
C ALA A 86 -8.09 -7.65 0.64
N CYS A 87 -9.16 -7.07 1.17
CA CYS A 87 -9.08 -5.74 1.78
C CYS A 87 -9.34 -5.72 3.30
N SER A 88 -9.93 -6.79 3.81
CA SER A 88 -10.29 -6.85 5.23
C SER A 88 -9.13 -6.49 6.18
N SER A 89 -7.93 -6.97 5.87
CA SER A 89 -6.76 -6.68 6.70
C SER A 89 -6.36 -5.20 6.70
N GLU A 90 -6.44 -4.59 5.52
CA GLU A 90 -6.11 -3.17 5.38
C GLU A 90 -7.13 -2.29 6.11
N VAL A 91 -8.40 -2.57 5.87
CA VAL A 91 -9.48 -1.86 6.55
C VAL A 91 -9.31 -2.00 8.05
N MET A 92 -8.94 -3.21 8.46
CA MET A 92 -8.61 -3.49 9.85
C MET A 92 -7.50 -2.57 10.35
N MET A 93 -6.48 -2.34 9.51
CA MET A 93 -5.43 -1.38 9.89
C MET A 93 -5.97 0.03 10.10
N LEU A 94 -6.92 0.46 9.25
CA LEU A 94 -7.52 1.79 9.47
C LEU A 94 -8.34 1.88 10.76
N ARG A 95 -9.15 0.85 11.00
CA ARG A 95 -9.94 0.79 12.22
C ARG A 95 -9.03 0.84 13.45
N MET A 96 -7.93 0.10 13.38
CA MET A 96 -6.94 0.13 14.44
C MET A 96 -6.39 1.54 14.64
N ALA A 97 -5.98 2.18 13.55
CA ALA A 97 -5.45 3.53 13.66
C ALA A 97 -6.45 4.51 14.28
N ARG A 98 -7.74 4.29 14.06
CA ARG A 98 -8.74 5.18 14.66
C ARG A 98 -8.83 5.08 16.19
N ARG A 99 -8.21 4.06 16.77
CA ARG A 99 -8.29 3.84 18.22
C ARG A 99 -6.94 4.00 18.90
N TYR A 100 -6.01 4.64 18.20
CA TYR A 100 -4.68 4.87 18.76
C TYR A 100 -4.71 5.99 19.79
N ASP A 101 -4.09 5.74 20.95
CA ASP A 101 -3.95 6.74 22.00
C ASP A 101 -2.50 7.25 22.04
N VAL A 102 -2.32 8.53 21.77
CA VAL A 102 -0.99 9.14 21.70
C VAL A 102 -0.26 9.10 23.03
N GLY A 103 -0.95 9.51 24.09
CA GLY A 103 -0.37 9.60 25.42
C GLY A 103 0.24 8.31 25.92
N SER A 104 -0.49 7.21 25.72
CA SER A 104 -0.05 5.90 26.20
C SER A 104 0.69 5.10 25.11
N ASP A 105 0.73 5.65 23.89
CA ASP A 105 1.29 4.95 22.74
C ASP A 105 0.70 3.55 22.66
N SER A 106 -0.62 3.47 22.72
CA SER A 106 -1.31 2.19 22.76
C SER A 106 -2.57 2.20 21.91
N ILE A 107 -3.10 1.02 21.63
CA ILE A 107 -4.39 0.90 20.98
C ILE A 107 -5.45 0.57 22.03
N LEU A 108 -6.53 1.34 22.04
CA LEU A 108 -7.61 1.15 22.99
C LEU A 108 -8.67 0.25 22.40
N PHE A 109 -8.83 -0.96 22.93
CA PHE A 109 -9.80 -1.91 22.37
C PHE A 109 -11.23 -1.54 22.73
N ALA A 110 -12.18 -2.21 22.10
CA ALA A 110 -13.60 -1.89 22.28
C ALA A 110 -14.09 -2.14 23.71
N ASN A 111 -13.30 -2.90 24.47
CA ASN A 111 -13.62 -3.17 25.87
C ASN A 111 -12.93 -2.19 26.82
N ASN A 112 -12.42 -1.10 26.26
CA ASN A 112 -11.70 -0.06 27.01
C ASN A 112 -10.38 -0.50 27.63
N GLN A 113 -9.91 -1.70 27.27
CA GLN A 113 -8.61 -2.16 27.72
C GLN A 113 -7.52 -1.71 26.75
N PRO A 114 -6.54 -0.93 27.23
CA PRO A 114 -5.44 -0.44 26.41
C PRO A 114 -4.44 -1.56 26.12
N TYR A 115 -4.07 -1.72 24.85
CA TYR A 115 -3.07 -2.70 24.48
C TYR A 115 -1.82 -2.00 24.02
N THR A 116 -0.71 -2.32 24.69
CA THR A 116 0.56 -1.69 24.36
C THR A 116 1.45 -2.60 23.54
N ARG A 117 2.68 -2.15 23.31
CA ARG A 117 3.69 -2.96 22.65
C ARG A 117 3.88 -4.28 23.40
N ASP A 118 3.94 -4.20 24.72
CA ASP A 118 4.19 -5.37 25.56
C ASP A 118 3.00 -6.33 25.57
N SER A 119 1.78 -5.81 25.41
CA SER A 119 0.60 -6.65 25.34
C SER A 119 0.71 -7.58 24.15
N TYR A 120 1.01 -6.98 22.99
CA TYR A 120 1.21 -7.74 21.76
C TYR A 120 2.40 -8.69 21.83
N SER A 121 3.51 -8.22 22.40
CA SER A 121 4.69 -9.07 22.54
C SER A 121 4.38 -10.31 23.36
N LEU A 122 3.73 -10.10 24.50
CA LEU A 122 3.32 -11.18 25.38
C LEU A 122 2.34 -12.12 24.70
N ALA A 123 1.48 -11.56 23.85
CA ALA A 123 0.53 -12.39 23.11
C ALA A 123 1.22 -13.32 22.12
N GLY A 124 2.45 -12.97 21.73
CA GLY A 124 3.19 -13.73 20.74
C GLY A 124 3.23 -13.01 19.42
N MET A 125 2.93 -11.72 19.45
CA MET A 125 2.86 -10.90 18.24
C MET A 125 3.75 -9.68 18.36
N GLY A 126 5.01 -9.88 18.73
CA GLY A 126 5.93 -8.77 18.90
C GLY A 126 6.65 -8.35 17.63
N GLU A 127 6.72 -9.26 16.66
CA GLU A 127 7.48 -9.03 15.43
C GLU A 127 6.95 -7.89 14.55
N THR A 128 5.70 -7.49 14.78
CA THR A 128 4.95 -6.69 13.82
C THR A 128 4.34 -5.42 14.47
N VAL A 129 4.22 -5.49 15.78
CA VAL A 129 3.52 -4.48 16.55
C VAL A 129 4.12 -3.09 16.40
N ASP A 130 5.44 -3.00 16.26
CA ASP A 130 6.10 -1.70 16.13
C ASP A 130 5.72 -1.02 14.82
N ASP A 131 5.62 -1.84 13.77
CA ASP A 131 5.17 -1.34 12.47
C ASP A 131 3.72 -0.88 12.57
N LEU A 132 2.90 -1.69 13.23
CA LEU A 132 1.50 -1.30 13.46
C LEU A 132 1.36 0.07 14.16
N LEU A 133 2.05 0.21 15.28
CA LEU A 133 2.02 1.43 16.06
C LEU A 133 2.61 2.61 15.30
N ARG A 134 3.61 2.34 14.46
CA ARG A 134 4.20 3.40 13.65
C ARG A 134 3.17 3.92 12.64
N PHE A 135 2.43 3.00 12.03
CA PHE A 135 1.36 3.39 11.12
C PHE A 135 0.33 4.23 11.86
N CYS A 136 -0.05 3.78 13.05
CA CYS A 136 -0.98 4.53 13.89
C CYS A 136 -0.47 5.96 14.12
N ARG A 137 0.80 6.08 14.45
CA ARG A 137 1.42 7.38 14.72
C ARG A 137 1.40 8.30 13.51
N GLN A 138 1.86 7.80 12.37
CA GLN A 138 1.82 8.57 11.12
C GLN A 138 0.41 9.08 10.84
N MET A 139 -0.53 8.14 10.89
CA MET A 139 -1.94 8.41 10.69
C MET A 139 -2.42 9.52 11.62
N TYR A 140 -2.01 9.46 12.87
CA TYR A 140 -2.37 10.48 13.85
C TYR A 140 -1.78 11.84 13.47
N GLY A 141 -0.54 11.82 12.99
CA GLY A 141 0.16 13.03 12.62
C GLY A 141 -0.52 13.74 11.46
N MET A 142 -1.19 12.97 10.61
CA MET A 142 -1.98 13.59 9.54
C MET A 142 -3.33 14.21 9.96
N LYS A 143 -3.71 14.03 11.23
CA LYS A 143 -4.96 14.59 11.75
C LYS A 143 -6.16 14.23 10.86
N VAL A 144 -6.35 12.93 10.62
CA VAL A 144 -7.43 12.45 9.75
C VAL A 144 -8.76 12.43 10.49
N ASP A 145 -9.82 12.96 9.87
CA ASP A 145 -11.14 13.00 10.51
C ASP A 145 -12.05 11.85 10.10
N ASN A 146 -13.31 11.90 10.53
CA ASN A 146 -14.26 10.80 10.29
C ASN A 146 -14.58 10.58 8.82
N ALA A 147 -14.92 11.65 8.12
CA ALA A 147 -15.26 11.56 6.71
C ALA A 147 -14.09 11.03 5.88
N GLU A 148 -12.88 11.49 6.21
CA GLU A 148 -11.69 11.06 5.49
C GLU A 148 -11.40 9.58 5.72
N TYR A 149 -11.59 9.13 6.95
CA TYR A 149 -11.44 7.71 7.28
C TYR A 149 -12.47 6.86 6.54
N ALA A 150 -13.72 7.32 6.52
CA ALA A 150 -14.79 6.59 5.87
C ALA A 150 -14.54 6.46 4.37
N LEU A 151 -14.22 7.58 3.76
CA LEU A 151 -13.93 7.64 2.33
C LEU A 151 -12.72 6.79 1.97
N LEU A 152 -11.66 6.89 2.78
CA LEU A 152 -10.48 6.06 2.60
C LEU A 152 -10.81 4.57 2.66
N THR A 153 -11.66 4.19 3.62
CA THR A 153 -12.06 2.80 3.78
C THR A 153 -12.81 2.33 2.55
N ALA A 154 -13.72 3.18 2.06
CA ALA A 154 -14.45 2.87 0.84
C ALA A 154 -13.49 2.67 -0.35
N ILE A 155 -12.48 3.53 -0.43
CA ILE A 155 -11.51 3.49 -1.52
C ILE A 155 -10.64 2.23 -1.45
N VAL A 156 -10.27 1.84 -0.24
CA VAL A 156 -9.52 0.60 0.01
C VAL A 156 -10.34 -0.60 -0.42
N ILE A 157 -11.61 -0.60 -0.02
CA ILE A 157 -12.51 -1.69 -0.39
C ILE A 157 -12.66 -1.82 -1.90
N PHE A 158 -12.83 -0.72 -2.61
CA PHE A 158 -13.01 -0.76 -4.06
C PHE A 158 -11.69 -0.64 -4.82
N SER A 159 -10.63 -1.26 -4.32
CA SER A 159 -9.34 -1.22 -4.99
C SER A 159 -9.16 -2.39 -5.96
N GLU A 160 -8.27 -2.21 -6.94
CA GLU A 160 -7.98 -3.26 -7.90
C GLU A 160 -7.29 -4.45 -7.23
N ARG A 161 -7.90 -5.63 -7.37
CA ARG A 161 -7.36 -6.84 -6.78
C ARG A 161 -7.22 -7.93 -7.84
N PRO A 162 -6.28 -8.85 -7.63
CA PRO A 162 -6.16 -10.00 -8.54
C PRO A 162 -7.44 -10.84 -8.52
N SER A 163 -7.72 -11.52 -9.63
CA SER A 163 -8.90 -12.39 -9.74
C SER A 163 -10.24 -11.65 -9.68
N LEU A 164 -10.29 -10.48 -10.27
CA LEU A 164 -11.58 -9.78 -10.41
C LEU A 164 -12.14 -10.05 -11.81
N ILE A 165 -13.45 -10.24 -11.88
CA ILE A 165 -14.11 -10.45 -13.16
C ILE A 165 -14.43 -9.12 -13.85
N GLU A 166 -15.10 -8.23 -13.11
CA GLU A 166 -15.48 -6.93 -13.64
C GLU A 166 -14.69 -5.79 -12.99
N GLY A 167 -13.36 -5.86 -13.10
CA GLY A 167 -12.48 -4.89 -12.47
C GLY A 167 -12.74 -3.45 -12.87
N TRP A 168 -13.22 -3.28 -14.10
CA TRP A 168 -13.53 -1.96 -14.64
C TRP A 168 -14.66 -1.28 -13.88
N LYS A 169 -15.66 -2.08 -13.47
CA LYS A 169 -16.79 -1.57 -12.71
C LYS A 169 -16.33 -1.13 -11.32
N VAL A 170 -15.42 -1.93 -10.75
CA VAL A 170 -14.84 -1.61 -9.45
C VAL A 170 -14.08 -0.29 -9.54
N GLU A 171 -13.28 -0.14 -10.59
CA GLU A 171 -12.53 1.08 -10.82
C GLU A 171 -13.48 2.28 -10.92
N LYS A 172 -14.54 2.12 -11.70
CA LYS A 172 -15.56 3.18 -11.85
C LYS A 172 -16.21 3.58 -10.52
N ILE A 173 -16.54 2.60 -9.69
CA ILE A 173 -17.09 2.93 -8.36
C ILE A 173 -16.05 3.65 -7.51
N GLN A 174 -14.80 3.22 -7.60
CA GLN A 174 -13.71 3.80 -6.83
C GLN A 174 -13.46 5.27 -7.20
N GLU A 175 -13.60 5.59 -8.48
CA GLU A 175 -13.46 6.97 -8.96
C GLU A 175 -14.33 7.95 -8.18
N ILE A 176 -15.59 7.58 -7.95
CA ILE A 176 -16.55 8.40 -7.22
C ILE A 176 -16.10 8.75 -5.79
N TYR A 177 -15.65 7.73 -5.06
CA TYR A 177 -15.16 7.95 -3.70
C TYR A 177 -13.86 8.76 -3.70
N LEU A 178 -13.03 8.53 -4.71
CA LEU A 178 -11.84 9.36 -4.89
C LEU A 178 -12.18 10.84 -5.04
N GLU A 179 -13.11 11.13 -5.94
CA GLU A 179 -13.50 12.52 -6.20
C GLU A 179 -14.15 13.15 -4.98
N ALA A 180 -14.99 12.38 -4.29
CA ALA A 180 -15.63 12.87 -3.08
C ALA A 180 -14.58 13.21 -2.01
N LEU A 181 -13.58 12.35 -1.89
CA LEU A 181 -12.48 12.60 -0.96
C LEU A 181 -11.71 13.87 -1.33
N LYS A 182 -11.40 14.02 -2.62
CA LYS A 182 -10.67 15.19 -3.10
C LYS A 182 -11.41 16.50 -2.83
N VAL A 183 -12.70 16.52 -3.14
CA VAL A 183 -13.52 17.71 -2.90
C VAL A 183 -13.68 18.00 -1.40
N TYR A 184 -13.95 16.96 -0.60
CA TYR A 184 -14.06 17.13 0.84
C TYR A 184 -12.80 17.76 1.41
N VAL A 185 -11.66 17.14 1.10
CA VAL A 185 -10.36 17.63 1.50
C VAL A 185 -10.11 19.09 1.05
N ASP A 186 -10.51 19.41 -0.19
CA ASP A 186 -10.39 20.78 -0.67
C ASP A 186 -11.19 21.79 0.17
N ASN A 187 -12.44 21.44 0.46
CA ASN A 187 -13.33 22.39 1.14
C ASN A 187 -13.24 22.43 2.67
N ARG A 188 -12.64 21.41 3.29
CA ARG A 188 -12.71 21.31 4.75
C ARG A 188 -11.38 21.10 5.48
N ARG A 189 -10.28 21.47 4.83
CA ARG A 189 -8.97 21.50 5.47
C ARG A 189 -8.35 22.88 5.36
N LYS A 190 -7.80 23.36 6.47
CA LYS A 190 -7.33 24.75 6.57
C LYS A 190 -5.82 24.83 6.72
N PRO A 191 -5.22 25.96 6.26
CA PRO A 191 -5.87 27.06 5.55
C PRO A 191 -6.20 26.66 4.13
N ALA A 192 -5.31 25.89 3.52
CA ALA A 192 -5.56 25.26 2.24
C ALA A 192 -5.45 23.76 2.43
N SER A 193 -5.43 23.01 1.34
CA SER A 193 -5.27 21.57 1.38
C SER A 193 -4.13 21.18 0.47
N GLY A 194 -2.95 21.75 0.75
CA GLY A 194 -1.77 21.63 -0.09
C GLY A 194 -1.64 20.33 -0.87
N THR A 195 -1.11 19.31 -0.21
CA THR A 195 -0.89 18.03 -0.87
C THR A 195 -1.55 16.90 -0.10
N ILE A 196 -2.41 17.27 0.85
CA ILE A 196 -2.98 16.30 1.79
C ILE A 196 -3.79 15.22 1.09
N PHE A 197 -4.31 15.50 -0.09
CA PHE A 197 -5.01 14.48 -0.88
C PHE A 197 -4.07 13.33 -1.30
N ALA A 198 -2.97 13.69 -1.96
CA ALA A 198 -1.98 12.71 -2.37
C ALA A 198 -1.39 11.99 -1.16
N LYS A 199 -1.19 12.77 -0.10
CA LYS A 199 -0.65 12.28 1.15
C LYS A 199 -1.57 11.22 1.76
N LEU A 200 -2.88 11.41 1.59
CA LEU A 200 -3.87 10.44 2.03
C LEU A 200 -3.88 9.22 1.11
N LEU A 201 -3.64 9.43 -0.18
CA LEU A 201 -3.61 8.30 -1.10
C LEU A 201 -2.35 7.44 -0.95
N SER A 202 -1.31 7.98 -0.33
CA SER A 202 -0.12 7.18 -0.02
C SER A 202 -0.42 6.11 1.03
N VAL A 203 -1.43 6.41 1.85
CA VAL A 203 -1.89 5.50 2.89
C VAL A 203 -2.24 4.14 2.29
N LEU A 204 -2.84 4.15 1.10
CA LEU A 204 -3.13 2.90 0.38
C LEU A 204 -1.86 2.09 0.16
N THR A 205 -0.85 2.76 -0.38
CA THR A 205 0.44 2.15 -0.66
C THR A 205 0.99 1.52 0.61
N GLU A 206 0.91 2.24 1.73
CA GLU A 206 1.42 1.64 2.98
C GLU A 206 0.58 0.46 3.47
N LEU A 207 -0.72 0.52 3.18
CA LEU A 207 -1.65 -0.53 3.55
C LEU A 207 -1.34 -1.82 2.81
N ARG A 208 -0.80 -1.73 1.60
CA ARG A 208 -0.37 -2.95 0.92
C ARG A 208 0.70 -3.70 1.75
N THR A 209 1.70 -2.95 2.18
CA THR A 209 2.78 -3.47 3.03
C THR A 209 2.26 -4.02 4.34
N LEU A 210 1.34 -3.29 4.97
CA LEU A 210 0.78 -3.75 6.26
C LEU A 210 -0.06 -5.03 6.12
N GLY A 211 -0.81 -5.11 5.03
CA GLY A 211 -1.59 -6.29 4.72
C GLY A 211 -0.69 -7.47 4.53
N ASN A 212 0.42 -7.26 3.82
CA ASN A 212 1.42 -8.31 3.70
C ASN A 212 1.98 -8.71 5.08
N LEU A 213 2.24 -7.71 5.94
CA LEU A 213 2.75 -7.97 7.29
C LEU A 213 1.74 -8.72 8.17
N ASN A 214 0.47 -8.68 7.76
CA ASN A 214 -0.56 -9.35 8.52
C ASN A 214 -0.78 -10.75 7.99
N SER A 215 -0.51 -10.92 6.69
CA SER A 215 -0.52 -12.25 6.12
C SER A 215 0.71 -13.01 6.59
N GLU A 216 1.74 -12.24 6.94
CA GLU A 216 3.06 -12.80 7.23
C GLU A 216 3.21 -13.26 8.66
N MET A 217 2.22 -12.93 9.47
CA MET A 217 2.03 -13.60 10.75
C MET A 217 1.55 -15.02 10.39
N CYS A 218 0.74 -15.64 11.24
CA CYS A 218 0.26 -17.03 11.08
C CYS A 218 1.21 -18.12 10.55
N PHE A 219 2.37 -17.74 10.01
CA PHE A 219 3.46 -18.70 9.83
C PHE A 219 4.30 -18.56 11.08
N SER A 220 4.31 -17.34 11.60
CA SER A 220 5.04 -17.03 12.81
C SER A 220 4.31 -17.67 13.97
N LEU A 221 2.98 -17.65 13.91
CA LEU A 221 2.15 -18.22 14.96
C LEU A 221 2.33 -19.74 15.04
N LYS A 222 2.28 -20.40 13.88
CA LYS A 222 2.44 -21.85 13.81
C LYS A 222 3.79 -22.28 14.37
N LEU A 223 4.77 -21.40 14.21
CA LEU A 223 6.12 -21.66 14.69
C LEU A 223 6.17 -21.54 16.21
N LYS A 224 5.25 -20.76 16.78
CA LYS A 224 5.16 -20.59 18.23
C LYS A 224 4.14 -21.56 18.85
N ASN A 225 3.72 -22.55 18.08
N ASN A 225 3.72 -22.54 18.07
CA ASN A 225 2.65 -23.45 18.50
CA ASN A 225 2.63 -23.45 18.47
C ASN A 225 1.35 -22.71 18.85
C ASN A 225 1.36 -22.69 18.87
N LYS A 226 1.06 -21.63 18.14
CA LYS A 226 -0.19 -20.91 18.32
C LYS A 226 -1.00 -20.98 17.03
N LYS A 227 -2.25 -20.55 17.07
CA LYS A 227 -3.19 -20.87 15.99
C LYS A 227 -4.20 -19.76 15.78
N LEU A 228 -4.31 -19.30 14.53
CA LEU A 228 -5.36 -18.36 14.17
C LEU A 228 -6.70 -19.08 14.20
N PRO A 229 -7.74 -18.39 14.68
CA PRO A 229 -9.11 -18.91 14.52
C PRO A 229 -9.37 -19.19 13.04
N PRO A 230 -10.02 -20.32 12.74
CA PRO A 230 -10.18 -20.83 11.39
C PRO A 230 -10.79 -19.83 10.42
N PHE A 231 -11.77 -19.04 10.89
CA PHE A 231 -12.38 -18.01 10.05
C PHE A 231 -11.31 -17.07 9.47
N LEU A 232 -10.43 -16.58 10.34
CA LEU A 232 -9.36 -15.67 9.92
C LEU A 232 -8.36 -16.35 9.00
N ALA A 233 -8.06 -17.61 9.29
CA ALA A 233 -7.17 -18.41 8.47
C ALA A 233 -7.69 -18.54 7.04
N GLU A 234 -8.99 -18.82 6.91
CA GLU A 234 -9.63 -18.93 5.59
C GLU A 234 -9.68 -17.60 4.87
N ILE A 235 -10.18 -16.59 5.59
CA ILE A 235 -10.37 -15.26 5.03
C ILE A 235 -9.07 -14.64 4.48
N TRP A 236 -7.94 -14.97 5.10
CA TRP A 236 -6.64 -14.42 4.68
C TRP A 236 -5.75 -15.41 3.96
N ASP A 237 -6.37 -16.45 3.40
CA ASP A 237 -5.67 -17.51 2.66
C ASP A 237 -4.37 -17.95 3.35
N VAL A 238 -4.52 -18.51 4.55
CA VAL A 238 -3.38 -18.83 5.40
C VAL A 238 -3.22 -20.31 5.66
N ASN B 1 16.62 -13.05 -25.78
CA ASN B 1 16.40 -14.48 -26.01
C ASN B 1 17.55 -15.36 -25.48
N ALA B 2 18.75 -14.80 -25.41
CA ALA B 2 19.91 -15.50 -24.84
C ALA B 2 20.21 -15.03 -23.41
N VAL B 3 20.75 -15.94 -22.59
CA VAL B 3 21.01 -15.66 -21.17
C VAL B 3 21.92 -14.46 -20.94
N ALA B 4 23.11 -14.51 -21.54
CA ALA B 4 24.12 -13.48 -21.35
C ALA B 4 23.62 -12.08 -21.71
N ASN B 5 22.92 -11.97 -22.84
CA ASN B 5 22.30 -10.71 -23.25
C ASN B 5 21.30 -10.17 -22.23
N ILE B 6 20.45 -11.06 -21.71
CA ILE B 6 19.48 -10.71 -20.67
C ILE B 6 20.21 -10.18 -19.42
N CYS B 7 21.27 -10.88 -19.01
N CYS B 7 21.27 -10.88 -19.01
CA CYS B 7 22.10 -10.48 -17.89
CA CYS B 7 22.07 -10.46 -17.87
C CYS B 7 22.66 -9.07 -18.08
C CYS B 7 22.65 -9.06 -18.09
N GLN B 8 23.21 -8.83 -19.27
CA GLN B 8 23.73 -7.50 -19.63
C GLN B 8 22.64 -6.44 -19.52
N ALA B 9 21.48 -6.75 -20.07
CA ALA B 9 20.32 -5.87 -20.00
C ALA B 9 19.94 -5.48 -18.56
N THR B 10 19.78 -6.48 -17.70
CA THR B 10 19.35 -6.22 -16.32
C THR B 10 20.40 -5.47 -15.50
N ASN B 11 21.67 -5.85 -15.68
CA ASN B 11 22.75 -5.10 -15.05
C ASN B 11 22.72 -3.63 -15.46
N SER B 12 22.56 -3.41 -16.76
N SER B 12 22.57 -3.42 -16.76
CA SER B 12 22.43 -2.06 -17.31
CA SER B 12 22.44 -2.06 -17.30
C SER B 12 21.24 -1.34 -16.68
C SER B 12 21.24 -1.34 -16.68
N GLN B 13 20.17 -2.07 -16.42
CA GLN B 13 19.00 -1.49 -15.75
C GLN B 13 19.37 -1.01 -14.36
N LEU B 14 20.18 -1.78 -13.65
CA LEU B 14 20.65 -1.34 -12.34
C LEU B 14 21.47 -0.04 -12.42
N TYR B 15 22.50 -0.07 -13.27
CA TYR B 15 23.35 1.11 -13.45
C TYR B 15 22.50 2.35 -13.79
N GLN B 16 21.58 2.18 -14.73
CA GLN B 16 20.69 3.25 -15.16
C GLN B 16 19.81 3.72 -14.02
N LEU B 17 19.39 2.80 -13.16
CA LEU B 17 18.56 3.15 -12.02
C LEU B 17 19.31 4.12 -11.14
N VAL B 18 20.53 3.72 -10.77
CA VAL B 18 21.33 4.60 -9.90
C VAL B 18 21.63 5.95 -10.56
N GLU B 19 21.99 5.94 -11.85
CA GLU B 19 22.21 7.17 -12.59
C GLU B 19 21.00 8.10 -12.52
N TRP B 20 19.83 7.53 -12.78
CA TRP B 20 18.57 8.28 -12.74
C TRP B 20 18.37 8.91 -11.37
N ALA B 21 18.48 8.11 -10.31
CA ALA B 21 18.34 8.65 -8.96
C ALA B 21 19.31 9.82 -8.73
N LYS B 22 20.56 9.64 -9.16
CA LYS B 22 21.60 10.65 -8.96
C LYS B 22 21.22 12.02 -9.54
N HIS B 23 20.50 12.04 -10.65
CA HIS B 23 20.21 13.30 -11.33
C HIS B 23 18.79 13.85 -11.10
N ILE B 24 18.10 13.28 -10.12
CA ILE B 24 16.84 13.84 -9.65
C ILE B 24 17.17 15.01 -8.72
N PRO B 25 16.60 16.20 -9.00
CA PRO B 25 16.91 17.43 -8.27
C PRO B 25 16.84 17.29 -6.76
N HIS B 26 17.89 17.76 -6.08
CA HIS B 26 18.01 17.77 -4.61
C HIS B 26 18.31 16.41 -3.97
N PHE B 27 18.25 15.32 -4.74
CA PHE B 27 18.51 14.01 -4.18
C PHE B 27 19.97 13.81 -3.75
N SER B 28 20.90 14.25 -4.58
CA SER B 28 22.33 14.05 -4.33
C SER B 28 22.86 14.95 -3.22
N SER B 29 22.01 15.88 -2.78
CA SER B 29 22.39 16.80 -1.71
C SER B 29 21.98 16.25 -0.34
N LEU B 30 21.16 15.19 -0.34
CA LEU B 30 20.81 14.50 0.89
C LEU B 30 22.04 13.78 1.41
N PRO B 31 22.09 13.50 2.72
CA PRO B 31 23.21 12.67 3.22
C PRO B 31 23.22 11.31 2.53
N ILE B 32 24.41 10.86 2.14
CA ILE B 32 24.54 9.68 1.29
C ILE B 32 23.93 8.41 1.90
N GLU B 33 23.98 8.31 3.22
CA GLU B 33 23.34 7.19 3.93
C GLU B 33 21.85 7.15 3.62
N ASP B 34 21.22 8.33 3.63
CA ASP B 34 19.81 8.45 3.32
C ASP B 34 19.52 8.05 1.86
N GLN B 35 20.41 8.43 0.94
CA GLN B 35 20.27 8.04 -0.47
C GLN B 35 20.30 6.53 -0.61
N VAL B 36 21.27 5.92 0.07
CA VAL B 36 21.39 4.46 0.08
C VAL B 36 20.10 3.82 0.62
N LEU B 37 19.58 4.36 1.72
CA LEU B 37 18.34 3.83 2.32
C LEU B 37 17.14 3.92 1.38
N LEU B 38 16.94 5.11 0.80
CA LEU B 38 15.83 5.36 -0.12
C LEU B 38 15.91 4.46 -1.35
N LEU B 39 17.10 4.38 -1.97
CA LEU B 39 17.29 3.49 -3.11
C LEU B 39 17.05 2.02 -2.76
N ARG B 40 17.57 1.58 -1.62
CA ARG B 40 17.32 0.20 -1.15
C ARG B 40 15.83 -0.06 -1.03
N ALA B 41 15.10 0.89 -0.47
CA ALA B 41 13.66 0.71 -0.27
C ALA B 41 12.85 0.71 -1.55
N GLY B 42 13.21 1.59 -2.49
CA GLY B 42 12.44 1.75 -3.71
C GLY B 42 12.92 0.91 -4.88
N TRP B 43 14.11 0.31 -4.73
CA TRP B 43 14.76 -0.52 -5.74
C TRP B 43 13.81 -1.25 -6.68
N ASN B 44 12.97 -2.12 -6.13
CA ASN B 44 12.08 -2.93 -6.96
C ASN B 44 10.99 -2.11 -7.68
N GLU B 45 10.29 -1.28 -6.92
CA GLU B 45 9.22 -0.46 -7.49
C GLU B 45 9.73 0.42 -8.65
N LEU B 46 10.90 1.02 -8.46
CA LEU B 46 11.50 1.87 -9.47
C LEU B 46 11.84 1.13 -10.78
N LEU B 47 12.52 -0.01 -10.64
CA LEU B 47 12.84 -0.86 -11.79
C LEU B 47 11.57 -1.29 -12.52
N ILE B 48 10.64 -1.86 -11.77
CA ILE B 48 9.38 -2.36 -12.34
C ILE B 48 8.61 -1.27 -13.06
N ALA B 49 8.51 -0.10 -12.44
CA ALA B 49 7.85 1.04 -13.08
C ALA B 49 8.53 1.37 -14.40
N ALA B 50 9.86 1.52 -14.36
CA ALA B 50 10.61 1.84 -15.57
C ALA B 50 10.38 0.86 -16.72
N PHE B 51 10.61 -0.44 -16.49
CA PHE B 51 10.44 -1.39 -17.59
C PHE B 51 8.99 -1.64 -18.00
N SER B 52 8.06 -1.47 -17.05
CA SER B 52 6.64 -1.52 -17.37
C SER B 52 6.35 -0.43 -18.38
N HIS B 53 6.84 0.77 -18.11
CA HIS B 53 6.57 1.88 -19.01
C HIS B 53 7.28 1.70 -20.35
N ARG B 54 8.43 1.03 -20.34
CA ARG B 54 9.11 0.71 -21.60
C ARG B 54 8.40 -0.40 -22.38
N SER B 55 7.53 -1.14 -21.71
CA SER B 55 6.92 -2.31 -22.33
C SER B 55 5.57 -2.04 -23.02
N VAL B 56 5.16 -0.77 -23.05
CA VAL B 56 3.85 -0.40 -23.58
C VAL B 56 3.74 -0.54 -25.11
N GLU B 57 4.81 -0.18 -25.81
CA GLU B 57 4.84 -0.29 -27.26
C GLU B 57 4.74 -1.75 -27.69
N VAL B 58 5.47 -2.61 -26.99
CA VAL B 58 5.46 -4.04 -27.23
C VAL B 58 4.17 -4.68 -26.72
N ARG B 59 3.69 -5.71 -27.42
CA ARG B 59 2.49 -6.43 -27.02
C ARG B 59 2.81 -7.75 -26.33
N ASP B 60 2.13 -8.01 -25.21
CA ASP B 60 2.28 -9.26 -24.45
C ASP B 60 3.72 -9.57 -24.06
N GLY B 61 4.48 -8.53 -23.70
CA GLY B 61 5.87 -8.70 -23.37
C GLY B 61 6.43 -7.62 -22.47
N ILE B 62 7.59 -7.90 -21.88
CA ILE B 62 8.28 -6.94 -21.04
C ILE B 62 9.64 -6.62 -21.63
N VAL B 63 9.87 -5.35 -21.96
CA VAL B 63 11.15 -4.93 -22.50
C VAL B 63 12.17 -4.70 -21.40
N LEU B 64 13.25 -5.49 -21.41
CA LEU B 64 14.28 -5.41 -20.38
C LEU B 64 15.54 -4.65 -20.84
N GLY B 65 15.56 -4.28 -22.12
CA GLY B 65 16.70 -3.55 -22.65
C GLY B 65 16.76 -3.52 -24.17
N ALA B 66 17.87 -2.98 -24.68
CA ALA B 66 18.08 -2.84 -26.13
C ALA B 66 17.87 -4.14 -26.88
N GLY B 67 16.76 -4.23 -27.60
CA GLY B 67 16.46 -5.40 -28.42
C GLY B 67 16.15 -6.67 -27.65
N ILE B 68 15.86 -6.52 -26.37
CA ILE B 68 15.53 -7.67 -25.54
C ILE B 68 14.14 -7.50 -24.95
N THR B 69 13.16 -8.14 -25.58
CA THR B 69 11.81 -8.18 -25.05
C THR B 69 11.48 -9.62 -24.66
N VAL B 70 10.84 -9.76 -23.50
CA VAL B 70 10.61 -11.08 -22.90
C VAL B 70 9.13 -11.44 -22.87
N HIS B 71 8.80 -12.62 -23.39
CA HIS B 71 7.44 -13.12 -23.34
C HIS B 71 7.32 -14.15 -22.23
N ARG B 72 6.10 -14.60 -21.95
CA ARG B 72 5.82 -15.42 -20.77
C ARG B 72 6.68 -16.67 -20.63
N ASN B 73 6.99 -17.30 -21.76
N ASN B 73 6.99 -17.31 -21.74
CA ASN B 73 7.76 -18.54 -21.79
CA ASN B 73 7.74 -18.56 -21.71
C ASN B 73 9.21 -18.39 -21.33
C ASN B 73 9.22 -18.40 -21.37
N SER B 74 9.75 -17.18 -21.47
CA SER B 74 11.13 -16.91 -21.11
C SER B 74 11.24 -16.04 -19.86
N ALA B 75 10.08 -15.65 -19.33
CA ALA B 75 10.00 -14.75 -18.18
C ALA B 75 10.80 -15.27 -16.98
N HIS B 76 10.67 -16.54 -16.68
CA HIS B 76 11.35 -17.13 -15.54
C HIS B 76 12.87 -17.02 -15.70
N GLN B 77 13.32 -17.32 -16.91
CA GLN B 77 14.74 -17.29 -17.26
C GLN B 77 15.28 -15.87 -17.23
N ALA B 78 14.40 -14.90 -17.49
CA ALA B 78 14.78 -13.49 -17.47
C ALA B 78 14.91 -12.92 -16.06
N GLY B 79 14.25 -13.54 -15.09
CA GLY B 79 14.34 -13.12 -13.71
C GLY B 79 13.11 -12.33 -13.28
N VAL B 80 12.05 -12.45 -14.07
CA VAL B 80 10.82 -11.69 -13.86
C VAL B 80 9.62 -12.65 -13.86
N GLY B 81 9.91 -13.95 -13.85
CA GLY B 81 8.89 -14.97 -13.99
C GLY B 81 7.75 -14.92 -12.98
N THR B 82 8.04 -14.39 -11.80
CA THR B 82 7.10 -14.42 -10.69
C THR B 82 6.10 -13.25 -10.71
N ILE B 83 6.46 -12.17 -11.38
CA ILE B 83 5.62 -10.97 -11.40
C ILE B 83 5.13 -10.62 -12.80
N PHE B 84 5.50 -11.45 -13.78
CA PHE B 84 5.21 -11.17 -15.18
C PHE B 84 3.74 -10.79 -15.44
N ASP B 85 2.84 -11.69 -15.05
CA ASP B 85 1.41 -11.52 -15.34
C ASP B 85 0.80 -10.27 -14.73
N ARG B 86 1.11 -10.03 -13.45
CA ARG B 86 0.57 -8.86 -12.76
C ARG B 86 1.17 -7.58 -13.33
N VAL B 87 2.42 -7.67 -13.79
CA VAL B 87 3.08 -6.53 -14.42
C VAL B 87 2.35 -6.17 -15.71
N LEU B 88 2.06 -7.19 -16.52
CA LEU B 88 1.34 -6.95 -17.77
C LEU B 88 -0.08 -6.44 -17.53
N THR B 89 -0.73 -6.97 -16.51
CA THR B 89 -2.14 -6.66 -16.25
C THR B 89 -2.38 -5.31 -15.58
N GLU B 90 -1.71 -5.10 -14.44
CA GLU B 90 -1.99 -3.94 -13.58
C GLU B 90 -1.16 -2.73 -13.93
N LEU B 91 -0.10 -2.94 -14.72
CA LEU B 91 0.83 -1.86 -15.02
C LEU B 91 0.90 -1.50 -16.49
N VAL B 92 1.42 -2.41 -17.31
CA VAL B 92 1.62 -2.12 -18.72
C VAL B 92 0.32 -1.77 -19.40
N ALA B 93 -0.68 -2.63 -19.23
CA ALA B 93 -2.00 -2.43 -19.81
C ALA B 93 -2.58 -1.09 -19.34
N LYS B 94 -2.40 -0.79 -18.07
CA LYS B 94 -2.93 0.45 -17.49
C LYS B 94 -2.20 1.69 -18.03
N MET B 95 -0.87 1.62 -18.06
CA MET B 95 -0.06 2.70 -18.63
C MET B 95 -0.41 2.98 -20.08
N ARG B 96 -0.78 1.92 -20.80
CA ARG B 96 -1.19 2.05 -22.19
C ARG B 96 -2.57 2.68 -22.31
N ASP B 97 -3.52 2.18 -21.53
CA ASP B 97 -4.90 2.64 -21.63
C ASP B 97 -5.07 4.13 -21.35
N MET B 98 -4.30 4.65 -20.40
CA MET B 98 -4.41 6.05 -20.02
C MET B 98 -3.31 6.90 -20.65
N ASN B 99 -2.48 6.28 -21.48
CA ASN B 99 -1.35 6.95 -22.12
C ASN B 99 -0.45 7.70 -21.14
N MET B 100 0.16 6.97 -20.22
CA MET B 100 1.07 7.59 -19.27
C MET B 100 2.32 8.07 -19.98
N ASP B 101 2.57 9.38 -19.96
CA ASP B 101 3.79 9.93 -20.56
C ASP B 101 4.98 9.85 -19.60
N ARG B 102 6.12 10.38 -20.04
CA ARG B 102 7.37 10.27 -19.28
C ARG B 102 7.47 11.19 -18.07
N THR B 103 6.84 12.36 -18.16
CA THR B 103 6.88 13.32 -17.07
C THR B 103 6.12 12.77 -15.87
N GLU B 104 5.02 12.09 -16.16
CA GLU B 104 4.18 11.48 -15.14
C GLU B 104 4.89 10.28 -14.52
N LEU B 105 5.51 9.46 -15.36
CA LEU B 105 6.26 8.31 -14.87
C LEU B 105 7.39 8.77 -13.95
N GLY B 106 8.08 9.82 -14.38
CA GLY B 106 9.17 10.40 -13.61
C GLY B 106 8.66 10.98 -12.30
N SER B 107 7.50 11.62 -12.33
CA SER B 107 6.87 12.10 -11.11
C SER B 107 6.60 10.96 -10.13
N LEU B 108 5.89 9.94 -10.59
CA LEU B 108 5.60 8.76 -9.78
C LEU B 108 6.85 8.14 -9.17
N ARG B 109 7.87 7.92 -10.00
CA ARG B 109 9.10 7.30 -9.52
C ARG B 109 9.82 8.21 -8.53
N SER B 110 9.72 9.52 -8.73
CA SER B 110 10.25 10.48 -7.77
C SER B 110 9.55 10.32 -6.43
N ILE B 111 8.23 10.19 -6.47
CA ILE B 111 7.41 10.00 -5.29
C ILE B 111 7.85 8.74 -4.53
N ILE B 112 8.06 7.67 -5.28
CA ILE B 112 8.56 6.40 -4.71
C ILE B 112 9.92 6.60 -4.05
N LEU B 113 10.79 7.31 -4.74
CA LEU B 113 12.16 7.53 -4.27
C LEU B 113 12.19 8.37 -3.00
N PHE B 114 11.42 9.45 -2.98
CA PHE B 114 11.37 10.33 -1.82
C PHE B 114 10.37 9.87 -0.76
N ASN B 115 10.61 8.69 -0.17
CA ASN B 115 9.73 8.16 0.86
C ASN B 115 10.22 8.47 2.28
N PRO B 116 9.58 9.44 2.94
CA PRO B 116 10.03 9.86 4.27
C PRO B 116 9.64 8.85 5.35
N GLU B 117 8.87 7.83 4.96
CA GLU B 117 8.47 6.78 5.89
C GLU B 117 9.49 5.66 5.97
N VAL B 118 10.55 5.77 5.19
CA VAL B 118 11.65 4.82 5.25
C VAL B 118 12.39 4.98 6.58
N ARG B 119 12.60 3.87 7.27
CA ARG B 119 13.25 3.89 8.59
C ARG B 119 14.73 4.21 8.48
N GLY B 120 15.26 4.90 9.50
CA GLY B 120 16.69 5.17 9.58
C GLY B 120 17.17 6.47 8.96
N LEU B 121 16.24 7.27 8.43
CA LEU B 121 16.62 8.53 7.78
C LEU B 121 17.12 9.58 8.76
N LYS B 122 18.03 10.43 8.29
CA LYS B 122 18.50 11.57 9.07
C LYS B 122 17.72 12.81 8.65
N SER B 123 17.51 12.95 7.34
CA SER B 123 16.86 14.11 6.77
C SER B 123 15.43 13.84 6.30
N GLY B 124 14.62 13.23 7.18
CA GLY B 124 13.28 12.81 6.83
C GLY B 124 12.32 13.94 6.46
N GLN B 125 12.37 15.03 7.22
CA GLN B 125 11.58 16.22 6.94
C GLN B 125 11.88 16.82 5.56
N GLU B 126 13.16 16.82 5.19
CA GLU B 126 13.59 17.34 3.89
C GLU B 126 13.05 16.49 2.75
N VAL B 127 13.13 15.17 2.96
CA VAL B 127 12.58 14.19 2.03
C VAL B 127 11.08 14.39 1.87
N GLU B 128 10.39 14.64 2.98
CA GLU B 128 8.95 14.86 2.94
C GLU B 128 8.62 16.12 2.15
N LEU B 129 9.40 17.17 2.36
CA LEU B 129 9.19 18.41 1.61
C LEU B 129 9.39 18.19 0.11
N LEU B 130 10.41 17.41 -0.24
CA LEU B 130 10.67 17.06 -1.64
C LEU B 130 9.52 16.28 -2.28
N ARG B 131 9.06 15.24 -1.58
CA ARG B 131 7.89 14.48 -2.00
C ARG B 131 6.69 15.38 -2.22
N GLU B 132 6.46 16.32 -1.28
CA GLU B 132 5.36 17.27 -1.40
C GLU B 132 5.47 18.11 -2.67
N LYS B 133 6.68 18.65 -2.90
CA LYS B 133 6.96 19.38 -4.14
C LYS B 133 6.59 18.55 -5.37
N VAL B 134 6.96 17.26 -5.34
CA VAL B 134 6.62 16.38 -6.46
C VAL B 134 5.11 16.21 -6.63
N TYR B 135 4.39 16.00 -5.52
CA TYR B 135 2.93 15.94 -5.55
C TYR B 135 2.33 17.16 -6.23
N ALA B 136 2.71 18.34 -5.73
CA ALA B 136 2.16 19.61 -6.25
C ALA B 136 2.47 19.77 -7.74
N ALA B 137 3.72 19.50 -8.10
CA ALA B 137 4.14 19.60 -9.50
C ALA B 137 3.33 18.67 -10.39
N LEU B 138 3.18 17.42 -9.98
CA LEU B 138 2.44 16.42 -10.75
C LEU B 138 0.97 16.83 -10.94
N GLU B 139 0.33 17.25 -9.85
CA GLU B 139 -1.06 17.69 -9.93
C GLU B 139 -1.20 18.88 -10.88
N GLU B 140 -0.25 19.80 -10.79
CA GLU B 140 -0.23 20.95 -11.69
C GLU B 140 -0.14 20.48 -13.15
N TYR B 141 0.78 19.56 -13.41
CA TYR B 141 1.06 19.08 -14.76
C TYR B 141 -0.15 18.38 -15.35
N THR B 142 -0.82 17.55 -14.57
CA THR B 142 -2.00 16.87 -15.07
C THR B 142 -3.18 17.83 -15.24
N ARG B 143 -3.25 18.83 -14.37
CA ARG B 143 -4.32 19.83 -14.45
C ARG B 143 -4.21 20.67 -15.71
N VAL B 144 -2.97 21.03 -16.07
CA VAL B 144 -2.72 21.78 -17.29
C VAL B 144 -2.80 20.91 -18.55
N THR B 145 -1.90 19.93 -18.64
CA THR B 145 -1.77 19.07 -19.83
C THR B 145 -3.07 18.37 -20.25
N ARG B 146 -3.77 17.77 -19.29
CA ARG B 146 -5.03 17.09 -19.59
C ARG B 146 -6.15 17.52 -18.64
N PRO B 147 -6.84 18.63 -19.00
CA PRO B 147 -7.92 19.19 -18.20
C PRO B 147 -9.27 18.55 -18.49
N GLU B 148 -9.37 17.80 -19.58
CA GLU B 148 -10.62 17.13 -19.94
C GLU B 148 -10.96 16.04 -18.92
N GLU B 149 -9.93 15.38 -18.38
CA GLU B 149 -10.12 14.37 -17.35
C GLU B 149 -9.56 14.84 -16.01
N PRO B 150 -10.47 15.18 -15.06
CA PRO B 150 -10.13 15.76 -13.76
C PRO B 150 -9.75 14.72 -12.71
N GLY B 151 -9.99 13.45 -13.00
CA GLY B 151 -9.61 12.39 -12.08
C GLY B 151 -8.32 11.71 -12.50
N ARG B 152 -7.48 12.42 -13.27
CA ARG B 152 -6.24 11.84 -13.76
C ARG B 152 -5.13 11.78 -12.70
N PHE B 153 -5.05 12.81 -11.87
CA PHE B 153 -4.07 12.86 -10.79
C PHE B 153 -4.21 11.63 -9.88
N ALA B 154 -5.42 11.40 -9.38
CA ALA B 154 -5.69 10.24 -8.52
C ALA B 154 -5.45 8.93 -9.25
N LYS B 155 -5.84 8.86 -10.51
CA LYS B 155 -5.66 7.66 -11.31
C LYS B 155 -4.18 7.29 -11.46
N LEU B 156 -3.33 8.32 -11.59
CA LEU B 156 -1.89 8.11 -11.63
C LEU B 156 -1.40 7.67 -10.26
N LEU B 157 -1.90 8.32 -9.21
CA LEU B 157 -1.47 7.99 -7.85
C LEU B 157 -1.86 6.57 -7.45
N LEU B 158 -2.87 6.03 -8.12
CA LEU B 158 -3.42 4.73 -7.76
C LEU B 158 -2.59 3.58 -8.27
N ARG B 159 -1.55 3.90 -9.01
CA ARG B 159 -0.64 2.88 -9.52
C ARG B 159 0.46 2.60 -8.49
N LEU B 160 0.67 3.54 -7.57
CA LEU B 160 1.63 3.37 -6.49
C LEU B 160 1.35 2.16 -5.57
N PRO B 161 0.08 1.95 -5.17
CA PRO B 161 -0.20 0.74 -4.38
C PRO B 161 0.04 -0.54 -5.19
N ALA B 162 -0.33 -0.51 -6.47
CA ALA B 162 -0.13 -1.66 -7.35
C ALA B 162 1.36 -2.01 -7.44
N LEU B 163 2.18 -0.99 -7.64
CA LEU B 163 3.62 -1.16 -7.67
C LEU B 163 4.18 -1.75 -6.38
N ARG B 164 3.70 -1.25 -5.24
CA ARG B 164 4.16 -1.75 -3.95
C ARG B 164 3.82 -3.23 -3.79
N SER B 165 2.61 -3.61 -4.18
CA SER B 165 2.17 -5.01 -4.07
C SER B 165 3.03 -5.95 -4.92
N ILE B 166 3.25 -5.56 -6.18
CA ILE B 166 4.07 -6.35 -7.07
C ILE B 166 5.53 -6.41 -6.60
N GLY B 167 6.08 -5.27 -6.18
CA GLY B 167 7.43 -5.23 -5.65
C GLY B 167 7.64 -6.13 -4.45
N LEU B 168 6.57 -6.33 -3.68
CA LEU B 168 6.63 -7.17 -2.48
C LEU B 168 6.64 -8.67 -2.78
N LYS B 169 6.24 -9.04 -4.00
CA LYS B 169 6.32 -10.43 -4.44
C LYS B 169 7.79 -10.85 -4.58
N CYS B 170 8.68 -9.87 -4.47
CA CYS B 170 10.10 -10.09 -4.55
C CYS B 170 10.75 -10.03 -3.18
N LEU B 171 11.29 -11.16 -2.73
CA LEU B 171 11.97 -11.23 -1.46
C LEU B 171 13.46 -10.94 -1.61
N GLU B 172 13.83 -10.39 -2.77
CA GLU B 172 15.21 -9.98 -3.02
C GLU B 172 15.23 -8.69 -3.83
N HIS B 173 16.37 -8.00 -3.82
CA HIS B 173 16.55 -6.85 -4.70
C HIS B 173 16.68 -7.32 -6.13
N LEU B 174 15.74 -6.90 -6.98
N LEU B 174 15.74 -6.89 -6.98
CA LEU B 174 15.66 -7.33 -8.37
CA LEU B 174 15.63 -7.36 -8.35
C LEU B 174 16.98 -7.23 -9.12
C LEU B 174 16.92 -7.22 -9.16
N PHE B 175 17.29 -8.30 -9.85
CA PHE B 175 18.45 -8.34 -10.76
C PHE B 175 19.83 -8.23 -10.09
N PHE B 176 19.87 -8.01 -8.79
CA PHE B 176 21.16 -7.78 -8.14
C PHE B 176 22.08 -9.00 -8.17
N PHE B 177 21.50 -10.19 -8.18
CA PHE B 177 22.27 -11.42 -8.13
C PHE B 177 23.09 -11.69 -9.40
N LYS B 178 22.83 -10.94 -10.46
CA LYS B 178 23.52 -11.12 -11.72
C LYS B 178 24.68 -10.13 -11.92
N LEU B 179 24.96 -9.32 -10.90
CA LEU B 179 26.19 -8.53 -10.90
C LEU B 179 27.36 -9.47 -10.71
N ILE B 180 28.56 -9.03 -11.09
CA ILE B 180 29.68 -9.96 -11.27
C ILE B 180 30.50 -10.25 -10.01
N GLY B 181 30.84 -9.22 -9.25
CA GLY B 181 31.64 -9.44 -8.06
C GLY B 181 30.88 -10.07 -6.89
N ASP B 182 31.52 -10.11 -5.73
CA ASP B 182 30.83 -10.39 -4.49
C ASP B 182 30.55 -9.06 -3.78
N ILE B 183 30.49 -7.99 -4.58
CA ILE B 183 30.24 -6.64 -4.08
C ILE B 183 28.87 -6.54 -3.44
N PRO B 184 28.82 -6.12 -2.17
CA PRO B 184 27.52 -5.99 -1.51
C PRO B 184 26.77 -4.79 -2.05
N ILE B 185 25.45 -4.86 -2.01
CA ILE B 185 24.59 -3.85 -2.62
C ILE B 185 24.80 -2.43 -2.08
N ASP B 186 25.04 -2.31 -0.78
CA ASP B 186 25.28 -1.00 -0.17
C ASP B 186 26.58 -0.40 -0.69
N THR B 187 27.58 -1.25 -0.94
CA THR B 187 28.86 -0.79 -1.47
C THR B 187 28.72 -0.37 -2.93
N PHE B 188 27.91 -1.14 -3.67
CA PHE B 188 27.62 -0.84 -5.07
C PHE B 188 26.95 0.52 -5.17
N LEU B 189 25.99 0.76 -4.27
CA LEU B 189 25.26 2.01 -4.21
C LEU B 189 26.12 3.20 -3.78
N MET B 190 26.88 3.02 -2.71
CA MET B 190 27.82 4.04 -2.22
C MET B 190 28.77 4.44 -3.34
N ASP B 191 29.36 3.44 -4.00
CA ASP B 191 30.31 3.68 -5.08
C ASP B 191 29.65 4.38 -6.28
N MET B 192 28.46 3.95 -6.63
CA MET B 192 27.79 4.48 -7.81
C MET B 192 27.16 5.85 -7.56
N LEU B 193 27.04 6.24 -6.30
CA LEU B 193 26.42 7.52 -5.94
C LEU B 193 27.46 8.63 -5.75
N GLY B 194 28.45 8.38 -4.91
CA GLY B 194 29.53 9.32 -4.70
C GLY B 194 30.30 9.51 -6.00
N SER B 195 30.76 10.73 -6.24
CA SER B 195 31.46 11.02 -7.49
C SER B 195 32.90 10.51 -7.47
#